data_4NMQ
#
_entry.id   4NMQ
#
_cell.length_a   35.546
_cell.length_b   47.462
_cell.length_c   96.621
_cell.angle_alpha   90.00
_cell.angle_beta   90.00
_cell.angle_gamma   90.00
#
_symmetry.space_group_name_H-M   'P 21 21 21'
#
loop_
_entity.id
_entity.type
_entity.pdbx_description
1 polymer 'Golgi-associated PDZ and coiled-coil motif-containing protein'
2 polymer 'iCAL36(Ac-K-4) peptide'
3 non-polymer GLYCEROL
4 water water
#
loop_
_entity_poly.entity_id
_entity_poly.type
_entity_poly.pdbx_seq_one_letter_code
_entity_poly.pdbx_strand_id
1 'polypeptide(L)'
;GPIRKVLLLKEDHEGLGISITGGKEHGVPILISEIHPGQPADRCGGLHVGDAILAVNGVNLRDTKHKEAVTILSQQRGEI
EFEVVYV
;
A,B
2 'polypeptide(L)' ANSRW(ALY)TSII C,D
#
# COMPACT_ATOMS: atom_id res chain seq x y z
N GLY A 1 -17.75 21.24 -5.76
CA GLY A 1 -18.76 21.24 -4.72
C GLY A 1 -18.19 21.86 -3.46
N PRO A 2 -18.93 21.76 -2.35
CA PRO A 2 -18.46 22.34 -1.09
C PRO A 2 -17.33 21.51 -0.50
N ILE A 3 -16.39 22.17 0.17
CA ILE A 3 -15.36 21.46 0.89
C ILE A 3 -16.00 20.79 2.11
N ARG A 4 -15.73 19.51 2.28
CA ARG A 4 -16.29 18.72 3.39
C ARG A 4 -15.21 18.19 4.31
N LYS A 5 -15.55 18.05 5.60
CA LYS A 5 -14.73 17.29 6.54
C LYS A 5 -15.40 15.94 6.79
N VAL A 6 -14.63 14.87 6.64
CA VAL A 6 -15.16 13.51 6.72
C VAL A 6 -14.27 12.68 7.66
N LEU A 7 -14.90 11.96 8.59
CA LEU A 7 -14.18 11.11 9.51
C LEU A 7 -14.15 9.66 8.98
N LEU A 8 -12.99 9.03 9.06
CA LEU A 8 -12.84 7.62 8.70
C LEU A 8 -12.22 6.91 9.89
N LEU A 9 -12.76 5.73 10.22
CA LEU A 9 -12.23 4.91 11.32
C LEU A 9 -11.64 3.66 10.71
N LYS A 10 -10.41 3.36 11.09
CA LYS A 10 -9.85 2.09 10.66
C LYS A 10 -8.97 1.45 11.70
N GLU A 11 -8.81 0.14 11.60
CA GLU A 11 -7.93 -0.59 12.49
C GLU A 11 -6.60 -0.79 11.80
N ASP A 12 -5.59 -1.20 12.56
CA ASP A 12 -4.25 -1.26 12.02
C ASP A 12 -4.03 -2.38 11.01
N HIS A 13 -4.94 -3.33 10.93
CA HIS A 13 -4.77 -4.47 10.01
C HIS A 13 -5.29 -4.18 8.61
N GLU A 14 -5.88 -3.01 8.40
CA GLU A 14 -6.46 -2.72 7.08
C GLU A 14 -5.86 -1.45 6.49
N GLY A 15 -6.08 -1.26 5.19
CA GLY A 15 -5.76 -0.01 4.53
C GLY A 15 -6.94 0.94 4.59
N LEU A 16 -6.86 2.01 3.81
CA LEU A 16 -7.93 2.99 3.77
C LEU A 16 -9.11 2.50 2.96
N GLY A 17 -8.84 1.67 1.96
CA GLY A 17 -9.89 1.17 1.08
C GLY A 17 -10.19 2.12 -0.06
N ILE A 18 -9.19 2.82 -0.54
CA ILE A 18 -9.38 3.67 -1.71
C ILE A 18 -8.26 3.47 -2.71
N SER A 19 -8.55 3.79 -3.96
CA SER A 19 -7.47 4.00 -4.92
C SER A 19 -7.43 5.47 -5.19
N ILE A 20 -6.21 6.01 -5.28
CA ILE A 20 -6.01 7.41 -5.63
C ILE A 20 -5.25 7.54 -6.95
N THR A 21 -5.53 8.62 -7.65
CA THR A 21 -4.85 8.92 -8.90
C THR A 21 -4.51 10.39 -8.89
N GLY A 22 -3.69 10.83 -9.83
CA GLY A 22 -3.34 12.24 -9.91
C GLY A 22 -2.18 12.62 -9.02
N GLY A 23 -2.10 13.92 -8.69
CA GLY A 23 -0.98 14.47 -7.97
C GLY A 23 -0.27 15.57 -8.74
N LYS A 24 0.59 16.31 -8.06
CA LYS A 24 1.19 17.53 -8.61
C LYS A 24 1.89 17.33 -9.94
N GLU A 25 2.54 16.19 -10.12
CA GLU A 25 3.31 15.96 -11.35
C GLU A 25 2.37 15.81 -12.55
N HIS A 26 1.11 15.55 -12.28
CA HIS A 26 0.11 15.41 -13.34
C HIS A 26 -0.75 16.66 -13.45
N GLY A 27 -0.47 17.65 -12.61
CA GLY A 27 -1.19 18.91 -12.63
C GLY A 27 -2.61 18.85 -12.10
N VAL A 28 -2.93 17.82 -11.33
CA VAL A 28 -4.27 17.67 -10.78
C VAL A 28 -4.18 17.27 -9.32
N PRO A 29 -5.27 17.44 -8.57
CA PRO A 29 -5.21 17.05 -7.15
C PRO A 29 -5.10 15.54 -6.99
N ILE A 30 -4.90 15.12 -5.75
CA ILE A 30 -5.01 13.72 -5.42
C ILE A 30 -6.49 13.39 -5.44
N LEU A 31 -6.88 12.49 -6.33
CA LEU A 31 -8.28 12.18 -6.56
C LEU A 31 -8.60 10.74 -6.20
N ILE A 32 -9.74 10.53 -5.56
CA ILE A 32 -10.21 9.18 -5.31
C ILE A 32 -10.79 8.59 -6.60
N SER A 33 -10.19 7.50 -7.06
CA SER A 33 -10.66 6.85 -8.26
C SER A 33 -11.45 5.58 -7.98
N GLU A 34 -11.31 5.03 -6.79
CA GLU A 34 -12.07 3.85 -6.39
C GLU A 34 -12.32 3.88 -4.90
N ILE A 35 -13.50 3.41 -4.50
CA ILE A 35 -13.82 3.13 -3.10
C ILE A 35 -14.05 1.63 -3.04
N HIS A 36 -13.22 0.91 -2.30
CA HIS A 36 -13.28 -0.55 -2.30
C HIS A 36 -14.34 -1.08 -1.34
N PRO A 37 -15.15 -2.03 -1.80
CA PRO A 37 -16.32 -2.41 -1.00
C PRO A 37 -15.96 -3.00 0.36
N GLY A 38 -16.67 -2.53 1.38
CA GLY A 38 -16.52 -3.06 2.72
C GLY A 38 -15.29 -2.62 3.49
N GLN A 39 -14.42 -1.82 2.87
CA GLN A 39 -13.19 -1.32 3.53
C GLN A 39 -13.48 0.04 4.19
N PRO A 40 -12.52 0.59 4.93
CA PRO A 40 -12.88 1.72 5.79
C PRO A 40 -13.52 2.92 5.08
N ALA A 41 -13.04 3.29 3.90
CA ALA A 41 -13.61 4.45 3.24
C ALA A 41 -15.07 4.21 2.86
N ASP A 42 -15.38 3.01 2.40
CA ASP A 42 -16.75 2.66 2.07
C ASP A 42 -17.59 2.72 3.34
N ARG A 43 -17.07 2.12 4.40
CA ARG A 43 -17.82 2.04 5.65
C ARG A 43 -18.07 3.40 6.28
N CYS A 44 -17.15 4.35 6.11
CA CYS A 44 -17.29 5.67 6.74
C CYS A 44 -18.44 6.47 6.14
N GLY A 45 -18.77 6.20 4.87
CA GLY A 45 -19.95 6.78 4.25
C GLY A 45 -19.80 8.11 3.51
N GLY A 46 -18.73 8.84 3.79
CA GLY A 46 -18.59 10.22 3.34
C GLY A 46 -17.56 10.48 2.26
N LEU A 47 -16.93 9.42 1.75
CA LEU A 47 -15.90 9.57 0.73
C LEU A 47 -16.37 8.93 -0.56
N HIS A 48 -16.15 9.58 -1.69
CA HIS A 48 -16.67 9.05 -2.95
C HIS A 48 -15.71 9.20 -4.11
N VAL A 49 -15.89 8.35 -5.10
CA VAL A 49 -15.11 8.45 -6.33
C VAL A 49 -15.29 9.85 -6.90
N GLY A 50 -14.18 10.48 -7.27
CA GLY A 50 -14.25 11.83 -7.78
C GLY A 50 -13.88 12.89 -6.76
N ASP A 51 -13.87 12.53 -5.48
CA ASP A 51 -13.44 13.48 -4.45
C ASP A 51 -11.95 13.76 -4.59
N ALA A 52 -11.59 15.03 -4.51
CA ALA A 52 -10.18 15.41 -4.36
C ALA A 52 -9.87 15.44 -2.88
N ILE A 53 -8.73 14.88 -2.49
CA ILE A 53 -8.30 14.91 -1.10
C ILE A 53 -7.43 16.12 -0.88
N LEU A 54 -7.96 17.10 -0.16
CA LEU A 54 -7.28 18.35 0.09
C LEU A 54 -6.32 18.26 1.28
N ALA A 55 -6.71 17.51 2.30
CA ALA A 55 -5.87 17.30 3.48
C ALA A 55 -6.29 16.03 4.22
N VAL A 56 -5.35 15.47 4.97
CA VAL A 56 -5.66 14.36 5.87
C VAL A 56 -5.03 14.62 7.22
N ASN A 57 -5.84 14.58 8.28
CA ASN A 57 -5.38 14.92 9.63
C ASN A 57 -4.61 16.24 9.65
N GLY A 58 -5.11 17.21 8.90
CA GLY A 58 -4.48 18.53 8.88
C GLY A 58 -3.27 18.65 7.98
N VAL A 59 -2.84 17.57 7.35
CA VAL A 59 -1.72 17.60 6.41
C VAL A 59 -2.21 17.92 5.01
N ASN A 60 -1.80 19.06 4.46
CA ASN A 60 -2.26 19.50 3.15
C ASN A 60 -1.74 18.57 2.07
N LEU A 61 -2.61 18.21 1.13
CA LEU A 61 -2.23 17.34 0.03
C LEU A 61 -2.42 18.01 -1.34
N ARG A 62 -2.68 19.32 -1.36
CA ARG A 62 -3.02 19.98 -2.62
C ARG A 62 -1.83 20.21 -3.55
N ASP A 63 -0.63 20.23 -3.01
CA ASP A 63 0.55 20.47 -3.84
C ASP A 63 1.50 19.29 -3.77
N THR A 64 0.96 18.13 -3.48
CA THR A 64 1.78 16.95 -3.25
C THR A 64 1.84 16.06 -4.48
N LYS A 65 3.02 15.50 -4.70
CA LYS A 65 3.20 14.51 -5.75
C LYS A 65 2.54 13.21 -5.34
N HIS A 66 2.22 12.40 -6.34
CA HIS A 66 1.47 11.17 -6.09
C HIS A 66 2.05 10.32 -4.96
N LYS A 67 3.34 9.98 -5.06
N LYS A 67 3.34 9.98 -5.06
CA LYS A 67 3.96 9.08 -4.09
CA LYS A 67 3.92 9.07 -4.08
C LYS A 67 4.08 9.74 -2.73
C LYS A 67 4.19 9.73 -2.73
N GLU A 68 4.25 11.07 -2.71
CA GLU A 68 4.27 11.79 -1.43
C GLU A 68 2.93 11.58 -0.73
N ALA A 69 1.85 11.72 -1.49
CA ALA A 69 0.51 11.52 -0.93
C ALA A 69 0.31 10.08 -0.42
N VAL A 70 0.85 9.11 -1.14
CA VAL A 70 0.73 7.71 -0.71
C VAL A 70 1.37 7.53 0.66
N THR A 71 2.58 8.03 0.81
CA THR A 71 3.26 7.90 2.09
C THR A 71 2.45 8.58 3.21
N ILE A 72 2.02 9.81 2.97
CA ILE A 72 1.28 10.56 3.97
C ILE A 72 -0.02 9.83 4.33
N LEU A 73 -0.80 9.47 3.32
CA LEU A 73 -2.08 8.80 3.58
C LEU A 73 -1.93 7.46 4.29
N SER A 74 -0.98 6.65 3.86
CA SER A 74 -0.77 5.34 4.47
C SER A 74 -0.23 5.38 5.90
N GLN A 75 0.35 6.52 6.30
CA GLN A 75 0.85 6.66 7.67
C GLN A 75 -0.26 6.89 8.69
N GLN A 76 -1.43 7.30 8.23
CA GLN A 76 -2.45 7.72 9.18
C GLN A 76 -3.12 6.50 9.81
N ARG A 77 -3.44 6.60 11.10
CA ARG A 77 -4.00 5.47 11.84
C ARG A 77 -5.23 5.88 12.62
N GLY A 78 -6.12 4.92 12.82
CA GLY A 78 -7.22 5.07 13.76
C GLY A 78 -8.34 5.96 13.28
N GLU A 79 -8.54 7.08 13.96
CA GLU A 79 -9.58 8.03 13.61
C GLU A 79 -8.97 9.12 12.76
N ILE A 80 -9.33 9.13 11.48
CA ILE A 80 -8.64 9.93 10.49
C ILE A 80 -9.58 10.94 9.85
N GLU A 81 -9.20 12.20 9.91
CA GLU A 81 -10.05 13.26 9.37
C GLU A 81 -9.59 13.66 7.97
N PHE A 82 -10.51 13.60 7.02
CA PHE A 82 -10.23 14.01 5.65
C PHE A 82 -10.91 15.33 5.35
N GLU A 83 -10.21 16.17 4.60
CA GLU A 83 -10.84 17.34 4.00
C GLU A 83 -10.89 17.06 2.50
N VAL A 84 -12.11 17.01 1.95
CA VAL A 84 -12.30 16.58 0.56
C VAL A 84 -13.28 17.49 -0.17
N VAL A 85 -13.23 17.44 -1.49
CA VAL A 85 -14.18 18.19 -2.28
C VAL A 85 -14.46 17.45 -3.57
N TYR A 86 -15.73 17.36 -3.94
CA TYR A 86 -16.08 16.76 -5.20
C TYR A 86 -16.17 17.85 -6.26
N VAL A 87 -15.43 17.69 -7.35
CA VAL A 87 -15.50 18.61 -8.47
C VAL A 87 -15.36 17.92 -9.83
N GLY B 1 -9.03 -8.25 -4.09
CA GLY B 1 -9.02 -8.40 -2.64
C GLY B 1 -8.67 -7.11 -1.95
N PRO B 2 -8.97 -7.03 -0.63
CA PRO B 2 -8.67 -5.82 0.14
C PRO B 2 -7.24 -5.79 0.67
N ILE B 3 -6.72 -4.61 0.91
CA ILE B 3 -5.40 -4.50 1.53
C ILE B 3 -5.44 -5.11 2.92
N ARG B 4 -4.41 -5.86 3.27
CA ARG B 4 -4.23 -6.34 4.63
C ARG B 4 -2.87 -5.88 5.11
N LYS B 5 -2.76 -5.53 6.38
CA LYS B 5 -1.45 -5.31 6.98
C LYS B 5 -1.19 -6.45 7.92
N VAL B 6 -0.07 -7.12 7.69
CA VAL B 6 0.25 -8.38 8.33
C VAL B 6 1.56 -8.22 9.07
N LEU B 7 1.60 -8.66 10.32
CA LEU B 7 2.86 -8.65 11.06
C LEU B 7 3.59 -9.99 10.93
N LEU B 8 4.89 -9.88 10.66
CA LEU B 8 5.76 -11.04 10.57
C LEU B 8 6.90 -10.83 11.55
N LEU B 9 7.12 -11.80 12.43
CA LEU B 9 8.19 -11.67 13.40
C LEU B 9 9.43 -12.39 12.89
N LYS B 10 10.51 -11.64 12.72
CA LYS B 10 11.76 -12.20 12.24
C LYS B 10 12.77 -12.21 13.37
N GLU B 11 13.38 -13.37 13.61
CA GLU B 11 14.53 -13.44 14.51
C GLU B 11 15.77 -13.04 13.71
N ASP B 12 16.70 -12.36 14.38
CA ASP B 12 17.88 -11.84 13.70
C ASP B 12 18.60 -12.89 12.85
N HIS B 13 18.57 -14.14 13.32
CA HIS B 13 19.32 -15.21 12.66
C HIS B 13 18.55 -15.90 11.52
N GLU B 14 17.31 -15.48 11.28
CA GLU B 14 16.49 -16.19 10.30
C GLU B 14 16.01 -15.31 9.15
N GLY B 15 15.84 -15.94 7.99
CA GLY B 15 15.19 -15.27 6.87
C GLY B 15 13.69 -15.37 7.06
N LEU B 16 12.95 -14.59 6.28
CA LEU B 16 11.49 -14.59 6.39
C LEU B 16 10.87 -15.83 5.75
N GLY B 17 11.55 -16.39 4.76
CA GLY B 17 11.08 -17.56 4.07
C GLY B 17 10.06 -17.17 3.02
N ILE B 18 10.44 -16.21 2.18
CA ILE B 18 9.58 -15.74 1.11
C ILE B 18 10.37 -15.63 -0.18
N SER B 19 9.84 -16.17 -1.26
CA SER B 19 10.40 -15.92 -2.58
C SER B 19 9.62 -14.78 -3.20
N ILE B 20 10.38 -13.88 -3.82
CA ILE B 20 9.89 -12.62 -4.36
C ILE B 20 10.21 -12.55 -5.84
N THR B 21 9.27 -12.05 -6.63
CA THR B 21 9.52 -11.82 -8.04
C THR B 21 8.74 -10.58 -8.47
N GLY B 22 8.95 -10.11 -9.69
CA GLY B 22 8.25 -8.94 -10.17
C GLY B 22 8.95 -7.65 -9.79
N GLY B 23 8.25 -6.54 -9.95
CA GLY B 23 8.83 -5.24 -9.70
C GLY B 23 8.64 -4.31 -10.89
N LYS B 24 9.03 -3.06 -10.69
CA LYS B 24 8.79 -1.98 -11.65
C LYS B 24 9.29 -2.28 -13.04
N GLU B 25 10.41 -2.97 -13.15
CA GLU B 25 11.00 -3.22 -14.47
C GLU B 25 10.18 -4.19 -15.28
N HIS B 26 9.24 -4.87 -14.63
CA HIS B 26 8.33 -5.79 -15.32
C HIS B 26 6.89 -5.30 -15.34
N GLY B 27 6.69 -4.08 -14.87
CA GLY B 27 5.37 -3.47 -14.90
C GLY B 27 4.36 -4.17 -14.02
N VAL B 28 4.86 -4.81 -12.95
CA VAL B 28 3.98 -5.52 -12.03
C VAL B 28 4.46 -5.26 -10.62
N PRO B 29 3.63 -5.56 -9.61
CA PRO B 29 4.06 -5.34 -8.24
C PRO B 29 5.20 -6.26 -7.83
N ILE B 30 5.79 -6.00 -6.67
CA ILE B 30 6.60 -6.99 -5.99
C ILE B 30 5.65 -8.08 -5.53
N LEU B 31 5.88 -9.29 -6.01
CA LEU B 31 4.95 -10.40 -5.80
C LEU B 31 5.59 -11.52 -5.01
N ILE B 32 4.81 -12.14 -4.15
CA ILE B 32 5.23 -13.34 -3.45
C ILE B 32 5.02 -14.55 -4.37
N SER B 33 6.09 -15.30 -4.63
CA SER B 33 5.98 -16.48 -5.49
C SER B 33 6.07 -17.80 -4.71
N GLU B 34 6.65 -17.73 -3.51
N GLU B 34 6.60 -17.73 -3.49
CA GLU B 34 6.71 -18.88 -2.62
CA GLU B 34 6.66 -18.91 -2.65
C GLU B 34 6.58 -18.45 -1.18
C GLU B 34 6.73 -18.56 -1.17
N ILE B 35 6.01 -19.33 -0.35
CA ILE B 35 6.03 -19.17 1.09
C ILE B 35 6.67 -20.43 1.63
N HIS B 36 7.87 -20.31 2.19
CA HIS B 36 8.65 -21.48 2.58
C HIS B 36 8.11 -22.12 3.86
N PRO B 37 7.77 -23.42 3.80
CA PRO B 37 7.14 -24.08 4.95
C PRO B 37 7.97 -23.97 6.23
N GLY B 38 7.33 -23.58 7.32
CA GLY B 38 7.95 -23.56 8.62
C GLY B 38 8.63 -22.27 9.02
N GLN B 39 8.98 -21.45 8.03
CA GLN B 39 9.68 -20.21 8.33
C GLN B 39 8.68 -19.11 8.68
N PRO B 40 9.18 -17.95 9.15
CA PRO B 40 8.33 -16.88 9.68
C PRO B 40 7.10 -16.53 8.85
N ALA B 41 7.25 -16.34 7.54
CA ALA B 41 6.12 -15.94 6.70
C ALA B 41 5.01 -16.99 6.74
N ASP B 42 5.39 -18.25 6.67
CA ASP B 42 4.44 -19.35 6.76
C ASP B 42 3.74 -19.29 8.12
N ARG B 43 4.52 -19.07 9.16
CA ARG B 43 4.01 -19.11 10.54
C ARG B 43 2.91 -18.08 10.80
N CYS B 44 3.06 -16.88 10.26
CA CYS B 44 2.12 -15.80 10.54
C CYS B 44 0.77 -16.05 9.89
N GLY B 45 0.75 -16.93 8.89
CA GLY B 45 -0.48 -17.35 8.25
C GLY B 45 -1.25 -16.27 7.49
N GLY B 46 -0.63 -15.10 7.32
CA GLY B 46 -1.32 -14.01 6.66
C GLY B 46 -0.72 -13.59 5.33
N LEU B 47 0.31 -14.31 4.88
CA LEU B 47 0.96 -14.02 3.60
C LEU B 47 0.85 -15.21 2.68
N HIS B 48 0.43 -14.97 1.45
CA HIS B 48 0.16 -16.04 0.51
C HIS B 48 0.76 -15.82 -0.86
N VAL B 49 1.04 -16.92 -1.55
CA VAL B 49 1.51 -16.85 -2.91
C VAL B 49 0.50 -16.08 -3.75
N GLY B 50 1.01 -15.13 -4.53
CA GLY B 50 0.18 -14.27 -5.37
C GLY B 50 -0.05 -12.89 -4.77
N ASP B 51 0.19 -12.75 -3.48
CA ASP B 51 0.08 -11.45 -2.82
C ASP B 51 1.07 -10.48 -3.44
N ALA B 52 0.64 -9.23 -3.59
CA ALA B 52 1.54 -8.15 -3.95
C ALA B 52 1.94 -7.46 -2.66
N ILE B 53 3.24 -7.21 -2.49
CA ILE B 53 3.71 -6.43 -1.35
C ILE B 53 3.75 -4.97 -1.78
N LEU B 54 2.79 -4.21 -1.30
CA LEU B 54 2.63 -2.80 -1.63
C LEU B 54 3.60 -1.94 -0.84
N ALA B 55 3.86 -2.35 0.40
CA ALA B 55 4.77 -1.62 1.27
C ALA B 55 5.26 -2.52 2.37
N VAL B 56 6.39 -2.16 2.95
CA VAL B 56 6.89 -2.84 4.14
C VAL B 56 7.33 -1.79 5.15
N ASN B 57 6.82 -1.88 6.37
CA ASN B 57 7.13 -0.91 7.41
C ASN B 57 7.02 0.54 6.93
N GLY B 58 6.01 0.82 6.11
CA GLY B 58 5.77 2.16 5.64
C GLY B 58 6.68 2.60 4.49
N VAL B 59 7.45 1.68 3.93
CA VAL B 59 8.22 1.97 2.73
C VAL B 59 7.38 1.54 1.53
N ASN B 60 6.99 2.50 0.70
CA ASN B 60 6.16 2.24 -0.47
C ASN B 60 6.96 1.52 -1.52
N LEU B 61 6.52 0.31 -1.88
CA LEU B 61 7.21 -0.50 -2.89
C LEU B 61 6.37 -0.68 -4.15
N ARG B 62 5.37 0.18 -4.35
CA ARG B 62 4.48 0.06 -5.50
C ARG B 62 5.19 0.41 -6.79
N ASP B 63 6.25 1.20 -6.68
CA ASP B 63 6.92 1.68 -7.89
C ASP B 63 8.42 1.57 -7.76
N THR B 64 8.87 0.40 -7.34
CA THR B 64 10.29 0.16 -7.08
C THR B 64 10.73 -1.06 -7.85
N LYS B 65 11.97 -1.01 -8.34
CA LYS B 65 12.51 -2.16 -9.06
C LYS B 65 12.79 -3.31 -8.12
N HIS B 66 12.83 -4.51 -8.67
CA HIS B 66 13.03 -5.73 -7.92
C HIS B 66 14.19 -5.64 -6.93
N LYS B 67 15.38 -5.29 -7.42
CA LYS B 67 16.57 -5.36 -6.58
C LYS B 67 16.48 -4.44 -5.36
N GLU B 68 16.04 -3.22 -5.60
CA GLU B 68 15.92 -2.23 -4.53
C GLU B 68 14.85 -2.65 -3.52
N ALA B 69 13.72 -3.18 -4.01
CA ALA B 69 12.70 -3.66 -3.09
C ALA B 69 13.22 -4.77 -2.19
N VAL B 70 13.91 -5.72 -2.81
CA VAL B 70 14.47 -6.85 -2.07
C VAL B 70 15.48 -6.37 -1.02
N THR B 71 16.30 -5.38 -1.38
CA THR B 71 17.25 -4.83 -0.41
C THR B 71 16.53 -4.23 0.78
N ILE B 72 15.51 -3.40 0.52
CA ILE B 72 14.71 -2.81 1.60
C ILE B 72 14.08 -3.90 2.46
N LEU B 73 13.47 -4.89 1.82
CA LEU B 73 12.83 -5.96 2.56
C LEU B 73 13.82 -6.67 3.47
N SER B 74 15.03 -6.90 2.96
N SER B 74 15.02 -6.91 2.94
CA SER B 74 16.06 -7.65 3.68
CA SER B 74 16.07 -7.64 3.66
C SER B 74 16.70 -6.87 4.83
C SER B 74 16.54 -6.90 4.91
N GLN B 75 16.47 -5.57 4.87
CA GLN B 75 16.97 -4.73 5.95
C GLN B 75 16.03 -4.66 7.15
N GLN B 76 14.82 -5.16 6.99
CA GLN B 76 13.85 -5.05 8.06
C GLN B 76 14.17 -6.03 9.18
N ARG B 77 13.87 -5.63 10.41
N ARG B 77 13.89 -5.64 10.41
CA ARG B 77 14.18 -6.45 11.57
CA ARG B 77 14.19 -6.49 11.56
C ARG B 77 12.99 -6.55 12.51
C ARG B 77 13.02 -6.53 12.53
N GLY B 78 12.96 -7.60 13.32
CA GLY B 78 11.97 -7.74 14.36
C GLY B 78 10.57 -7.99 13.82
N GLU B 79 9.61 -7.24 14.37
CA GLU B 79 8.22 -7.35 13.96
C GLU B 79 8.02 -6.45 12.75
N ILE B 80 7.77 -7.06 11.60
CA ILE B 80 7.77 -6.36 10.32
C ILE B 80 6.36 -6.29 9.72
N GLU B 81 5.90 -5.08 9.39
CA GLU B 81 4.56 -4.95 8.83
C GLU B 81 4.58 -4.99 7.32
N PHE B 82 3.87 -5.95 6.74
CA PHE B 82 3.71 -6.05 5.31
C PHE B 82 2.35 -5.55 4.92
N GLU B 83 2.29 -4.60 4.00
CA GLU B 83 1.03 -4.14 3.44
C GLU B 83 0.85 -4.86 2.11
N VAL B 84 -0.14 -5.76 2.05
CA VAL B 84 -0.28 -6.65 0.90
C VAL B 84 -1.68 -6.63 0.35
N VAL B 85 -1.83 -7.05 -0.90
CA VAL B 85 -3.15 -7.21 -1.50
C VAL B 85 -3.11 -8.44 -2.42
N TYR B 86 -4.17 -9.21 -2.40
CA TYR B 86 -4.27 -10.46 -3.21
C TYR B 86 -5.04 -10.20 -4.48
N ALA C 1 -9.08 2.32 -19.90
CA ALA C 1 -8.90 3.73 -19.66
C ALA C 1 -7.48 4.13 -19.97
N ASN C 2 -7.20 5.42 -20.04
CA ASN C 2 -5.85 5.92 -20.29
C ASN C 2 -4.71 5.58 -19.31
N SER C 3 -4.80 5.92 -18.05
CA SER C 3 -3.67 5.43 -17.30
C SER C 3 -2.33 6.15 -17.52
N ARG C 4 -2.33 7.34 -18.11
CA ARG C 4 -1.21 8.23 -18.03
C ARG C 4 -0.97 8.64 -16.59
N TRP C 5 -2.03 8.90 -15.80
CA TRP C 5 -1.86 9.25 -14.40
C TRP C 5 -1.61 8.01 -13.57
N THR C 7 -1.82 5.51 -10.47
CA THR C 7 -2.86 5.03 -9.53
C THR C 7 -2.28 4.11 -8.50
N SER C 8 -2.66 4.35 -7.23
CA SER C 8 -2.26 3.54 -6.13
C SER C 8 -3.47 3.09 -5.29
N ILE C 9 -3.42 1.84 -4.90
CA ILE C 9 -4.40 1.24 -3.98
C ILE C 9 -3.83 1.39 -2.57
N ILE C 10 -4.59 2.03 -1.69
CA ILE C 10 -4.11 2.36 -0.36
C ILE C 10 -5.17 2.11 0.71
N ALA D 1 5.37 -14.54 -11.25
CA ALA D 1 4.48 -14.85 -12.37
C ALA D 1 5.25 -15.45 -13.53
N ASN D 2 5.95 -14.61 -14.28
CA ASN D 2 6.76 -15.07 -15.39
C ASN D 2 8.09 -15.63 -14.90
N SER D 3 8.37 -16.89 -15.23
CA SER D 3 9.56 -17.58 -14.75
C SER D 3 10.88 -16.92 -15.17
N ARG D 4 10.83 -16.10 -16.23
CA ARG D 4 12.06 -15.46 -16.69
C ARG D 4 12.48 -14.29 -15.81
N TRP D 5 11.52 -13.73 -15.08
CA TRP D 5 11.84 -12.67 -14.14
C TRP D 5 12.76 -13.21 -13.06
N THR D 7 14.06 -14.11 -9.49
CA THR D 7 13.49 -14.47 -8.19
C THR D 7 14.53 -14.24 -7.11
N SER D 8 14.09 -13.64 -6.02
CA SER D 8 14.91 -13.43 -4.84
C SER D 8 14.26 -14.14 -3.67
N ILE D 9 15.06 -14.45 -2.67
CA ILE D 9 14.54 -14.99 -1.43
C ILE D 9 14.93 -14.08 -0.29
N ILE D 10 13.99 -13.84 0.62
CA ILE D 10 14.23 -13.03 1.81
C ILE D 10 13.77 -13.77 3.05
#